data_4FEK
#
_entry.id   4FEK
#
_cell.length_a   50.651
_cell.length_b   57.993
_cell.length_c   106.606
_cell.angle_alpha   90.00
_cell.angle_beta   102.42
_cell.angle_gamma   90.00
#
_symmetry.space_group_name_H-M   'P 1 21 1'
#
loop_
_entity.id
_entity.type
_entity.pdbx_description
1 polymer 'Putative diflavin flavoprotein A 5'
2 non-polymer DI(HYDROXYETHYL)ETHER
3 non-polymer 'CHLORIDE ION'
4 non-polymer 'PHOSPHATE ION'
5 water water
#
_entity_poly.entity_id   1
_entity_poly.type   'polypeptide(L)'
_entity_poly.pdbx_seq_one_letter_code
;(MSE)SDSKPRDVQVLPIATNTKVLRARSWSRLRFEIEYALERGTTSNSYVIEGDKTAIIDPPVESF(MSE)KIYLEALQ
QTVNLKKLDYVILGHFSPNRIPTFKALLELAPQITFVCSLPAAGDLRAAFPDDNLNILP(MSE)RGKETLDLGKGHVLKF
LPIPSPRWPAGLCTYDVQTQILYTDKIFGAHICGDDVFDDNWESFKEDQRYYFNCL(MSE)APHAIHVEAALEKISDLQV
RLYAVGHGPLVRTSLIALTQAYADWSKAQKLEHHHHHH
;
_entity_poly.pdbx_strand_id   A,B
#
loop_
_chem_comp.id
_chem_comp.type
_chem_comp.name
_chem_comp.formula
CL non-polymer 'CHLORIDE ION' 'Cl -1'
PEG non-polymer DI(HYDROXYETHYL)ETHER 'C4 H10 O3'
PO4 non-polymer 'PHOSPHATE ION' 'O4 P -3'
#
# COMPACT_ATOMS: atom_id res chain seq x y z
N LYS A 5 -21.99 9.25 -16.85
CA LYS A 5 -21.21 9.45 -15.65
C LYS A 5 -20.02 10.37 -15.94
N PRO A 6 -19.50 11.03 -14.90
CA PRO A 6 -18.31 11.88 -15.10
C PRO A 6 -17.03 11.05 -15.09
N ARG A 7 -15.93 11.63 -15.58
CA ARG A 7 -14.62 10.98 -15.51
C ARG A 7 -14.16 10.97 -14.06
N ASP A 8 -13.54 9.88 -13.64
CA ASP A 8 -13.02 9.81 -12.27
C ASP A 8 -11.71 9.02 -12.25
N VAL A 9 -11.10 8.89 -11.09
CA VAL A 9 -9.91 8.06 -10.97
C VAL A 9 -10.14 6.99 -9.93
N GLN A 10 -9.88 5.76 -10.29
CA GLN A 10 -10.07 4.63 -9.39
C GLN A 10 -8.68 4.20 -8.88
N VAL A 11 -8.48 4.24 -7.56
CA VAL A 11 -7.18 3.88 -6.99
C VAL A 11 -7.29 2.60 -6.15
N LEU A 12 -6.37 1.66 -6.34
CA LEU A 12 -6.43 0.36 -5.68
C LEU A 12 -5.02 -0.20 -5.53
N PRO A 13 -4.71 -0.78 -4.36
CA PRO A 13 -3.49 -1.57 -4.20
C PRO A 13 -3.56 -2.83 -5.08
N ILE A 14 -2.49 -3.16 -5.78
CA ILE A 14 -2.51 -4.34 -6.63
C ILE A 14 -1.44 -5.34 -6.26
N ALA A 15 -0.45 -4.88 -5.52
CA ALA A 15 0.65 -5.74 -5.13
C ALA A 15 1.43 -5.07 -4.02
N THR A 16 2.44 -5.75 -3.51
CA THR A 16 3.29 -5.19 -2.46
C THR A 16 3.86 -3.85 -2.92
N ASN A 17 3.54 -2.79 -2.18
CA ASN A 17 4.02 -1.44 -2.47
C ASN A 17 3.57 -0.92 -3.83
N THR A 18 2.52 -1.52 -4.38
CA THR A 18 2.06 -1.13 -5.72
C THR A 18 0.58 -0.80 -5.77
N LYS A 19 0.27 0.35 -6.37
CA LYS A 19 -1.10 0.77 -6.61
C LYS A 19 -1.31 1.14 -8.08
N VAL A 20 -2.55 0.98 -8.54
CA VAL A 20 -2.96 1.48 -9.86
C VAL A 20 -3.85 2.69 -9.63
N LEU A 21 -3.71 3.69 -10.51
CA LEU A 21 -4.69 4.75 -10.66
C LEU A 21 -5.29 4.60 -12.04
N ARG A 22 -6.57 4.25 -12.12
CA ARG A 22 -7.24 4.12 -13.42
C ARG A 22 -8.09 5.36 -13.67
N ALA A 23 -7.67 6.19 -14.59
CA ALA A 23 -8.44 7.36 -14.98
C ALA A 23 -9.49 6.84 -15.93
N ARG A 24 -10.75 7.07 -15.61
CA ARG A 24 -11.84 6.43 -16.34
C ARG A 24 -12.66 7.42 -17.14
N SER A 25 -13.07 7.00 -18.34
CA SER A 25 -14.02 7.76 -19.13
C SER A 25 -15.10 6.86 -19.75
N TRP A 26 -16.36 7.18 -19.51
CA TRP A 26 -17.44 6.35 -20.04
C TRP A 26 -17.73 6.59 -21.53
N SER A 27 -17.10 7.62 -22.10
CA SER A 27 -17.25 7.96 -23.51
C SER A 27 -15.88 8.04 -24.17
N ARG A 28 -15.87 8.03 -25.50
CA ARG A 28 -14.61 8.03 -26.26
C ARG A 28 -13.75 9.24 -25.86
N LEU A 29 -12.43 9.05 -25.91
CA LEU A 29 -11.51 10.17 -25.70
C LEU A 29 -11.30 10.89 -27.01
N ARG A 30 -11.38 10.15 -28.11
CA ARG A 30 -11.17 10.69 -29.45
C ARG A 30 -12.20 10.09 -30.41
N PHE A 31 -12.50 10.78 -31.50
CA PHE A 31 -13.39 10.23 -32.51
C PHE A 31 -12.63 9.32 -33.46
N GLU A 32 -12.18 8.17 -32.95
CA GLU A 32 -11.27 7.31 -33.70
C GLU A 32 -11.73 5.88 -33.58
N ILE A 33 -11.25 5.01 -34.46
CA ILE A 33 -11.79 3.65 -34.55
C ILE A 33 -11.61 2.86 -33.27
N GLU A 34 -10.55 3.12 -32.51
CA GLU A 34 -10.34 2.27 -31.33
C GLU A 34 -11.46 2.41 -30.29
N TYR A 35 -12.23 3.49 -30.37
CA TYR A 35 -13.32 3.73 -29.42
C TYR A 35 -14.68 3.38 -30.02
N ALA A 36 -14.68 2.83 -31.24
CA ALA A 36 -15.90 2.66 -32.03
C ALA A 36 -16.88 1.63 -31.47
N LEU A 37 -16.45 0.84 -30.51
CA LEU A 37 -17.36 -0.05 -29.78
C LEU A 37 -18.15 0.71 -28.70
N GLU A 38 -17.83 1.99 -28.51
CA GLU A 38 -18.55 2.89 -27.59
C GLU A 38 -18.70 2.31 -26.18
N ARG A 39 -17.59 1.89 -25.58
CA ARG A 39 -17.64 1.35 -24.22
C ARG A 39 -16.74 2.12 -23.26
N GLY A 40 -16.29 3.30 -23.71
CA GLY A 40 -15.40 4.11 -22.90
C GLY A 40 -14.00 3.52 -22.90
N THR A 41 -13.21 3.92 -21.91
CA THR A 41 -11.81 3.53 -21.83
C THR A 41 -11.30 3.88 -20.42
N THR A 42 -10.16 3.31 -20.03
CA THR A 42 -9.43 3.83 -18.89
C THR A 42 -8.00 4.08 -19.34
N SER A 43 -7.33 5.02 -18.68
CA SER A 43 -5.89 5.14 -18.80
CA SER A 43 -5.88 5.16 -18.80
C SER A 43 -5.26 4.83 -17.44
N ASN A 44 -4.42 3.81 -17.42
CA ASN A 44 -3.90 3.30 -16.16
C ASN A 44 -2.48 3.77 -15.87
N SER A 45 -2.27 4.31 -14.67
CA SER A 45 -0.95 4.72 -14.26
C SER A 45 -0.67 3.95 -12.97
N TYR A 46 0.60 3.78 -12.63
CA TYR A 46 0.95 2.94 -11.49
C TYR A 46 1.96 3.65 -10.59
N VAL A 47 1.99 3.25 -9.32
CA VAL A 47 2.92 3.82 -8.33
C VAL A 47 3.57 2.64 -7.60
N ILE A 48 4.89 2.58 -7.62
CA ILE A 48 5.62 1.59 -6.81
C ILE A 48 6.41 2.34 -5.74
N GLU A 49 6.18 1.98 -4.48
CA GLU A 49 6.86 2.68 -3.38
C GLU A 49 7.85 1.78 -2.69
N GLY A 50 9.11 1.85 -3.06
CA GLY A 50 10.13 1.12 -2.33
C GLY A 50 10.80 2.12 -1.40
N ASP A 51 12.11 1.98 -1.25
CA ASP A 51 12.94 3.03 -0.72
C ASP A 51 12.80 4.30 -1.56
N LYS A 52 12.74 4.11 -2.89
CA LYS A 52 12.46 5.22 -3.81
C LYS A 52 11.09 5.03 -4.42
N THR A 53 10.46 6.12 -4.88
CA THR A 53 9.13 6.03 -5.47
C THR A 53 9.14 6.30 -6.98
N ALA A 54 8.48 5.45 -7.74
CA ALA A 54 8.32 5.65 -9.17
C ALA A 54 6.86 5.63 -9.58
N ILE A 55 6.52 6.51 -10.52
CA ILE A 55 5.24 6.41 -11.17
C ILE A 55 5.44 5.91 -12.60
N ILE A 56 4.47 5.16 -13.07
CA ILE A 56 4.56 4.60 -14.41
C ILE A 56 3.40 5.11 -15.26
N ASP A 57 3.71 5.73 -16.40
CA ASP A 57 2.71 6.20 -17.39
C ASP A 57 1.61 7.18 -16.96
N PRO A 58 1.97 8.44 -16.64
CA PRO A 58 0.97 9.50 -16.42
C PRO A 58 0.12 9.71 -17.69
N PRO A 59 -1.19 9.92 -17.54
CA PRO A 59 -2.12 9.94 -18.67
C PRO A 59 -2.07 11.21 -19.53
N VAL A 60 -2.86 11.22 -20.61
CA VAL A 60 -2.92 12.36 -21.53
C VAL A 60 -3.57 13.58 -20.89
N GLU A 61 -3.45 14.73 -21.54
CA GLU A 61 -3.96 16.00 -20.99
C GLU A 61 -5.43 15.91 -20.55
N SER A 62 -6.20 15.10 -21.26
CA SER A 62 -7.64 15.00 -21.03
C SER A 62 -7.96 14.53 -19.61
N PHE A 63 -7.06 13.73 -19.04
CA PHE A 63 -7.21 13.19 -17.69
C PHE A 63 -6.29 13.90 -16.68
N MSE A 64 -5.52 14.88 -17.15
CA MSE A 64 -4.44 15.46 -16.34
C MSE A 64 -4.88 15.95 -14.97
O MSE A 64 -4.27 15.60 -13.96
CB MSE A 64 -3.79 16.62 -17.08
CG MSE A 64 -2.80 17.41 -16.23
SE MSE A 64 -2.06 18.92 -17.24
CE MSE A 64 -3.71 19.92 -17.59
N LYS A 65 -5.93 16.76 -14.96
CA LYS A 65 -6.38 17.39 -13.72
C LYS A 65 -6.84 16.37 -12.67
N ILE A 66 -7.72 15.44 -13.05
CA ILE A 66 -8.18 14.46 -12.07
C ILE A 66 -7.08 13.47 -11.69
N TYR A 67 -6.18 13.19 -12.64
CA TYR A 67 -5.03 12.38 -12.34
C TYR A 67 -4.16 12.99 -11.24
N LEU A 68 -3.74 14.24 -11.42
CA LEU A 68 -2.87 14.90 -10.45
C LEU A 68 -3.50 15.03 -9.07
N GLU A 69 -4.80 15.35 -9.03
CA GLU A 69 -5.54 15.36 -7.75
C GLU A 69 -5.48 14.02 -7.03
N ALA A 70 -5.76 12.93 -7.76
CA ALA A 70 -5.68 11.59 -7.16
C ALA A 70 -4.24 11.22 -6.75
N LEU A 71 -3.28 11.61 -7.56
CA LEU A 71 -1.89 11.25 -7.31
C LEU A 71 -1.44 11.96 -6.03
N GLN A 72 -1.80 13.23 -5.91
CA GLN A 72 -1.50 14.02 -4.71
C GLN A 72 -2.12 13.43 -3.45
N GLN A 73 -3.26 12.76 -3.60
CA GLN A 73 -3.88 12.11 -2.46
C GLN A 73 -3.22 10.78 -2.12
N THR A 74 -2.44 10.23 -3.05
CA THR A 74 -1.82 8.92 -2.86
C THR A 74 -0.36 8.99 -2.44
N VAL A 75 0.38 9.92 -3.01
CA VAL A 75 1.80 10.01 -2.73
C VAL A 75 2.22 11.45 -2.49
N ASN A 76 3.31 11.64 -1.74
CA ASN A 76 3.87 12.95 -1.50
C ASN A 76 4.75 13.26 -2.69
N LEU A 77 4.35 14.26 -3.47
CA LEU A 77 5.06 14.55 -4.72
C LEU A 77 6.51 14.97 -4.48
N LYS A 78 6.82 15.42 -3.27
CA LYS A 78 8.20 15.79 -2.98
C LYS A 78 9.07 14.54 -2.78
N LYS A 79 8.41 13.39 -2.64
CA LYS A 79 9.10 12.12 -2.46
C LYS A 79 9.20 11.32 -3.76
N LEU A 80 8.76 11.92 -4.85
CA LEU A 80 8.73 11.23 -6.13
C LEU A 80 10.12 11.25 -6.75
N ASP A 81 10.59 10.08 -7.21
CA ASP A 81 11.95 9.97 -7.76
C ASP A 81 11.97 9.80 -9.28
N TYR A 82 11.09 8.92 -9.76
CA TYR A 82 11.11 8.53 -11.16
C TYR A 82 9.71 8.57 -11.77
N VAL A 83 9.69 8.98 -13.04
CA VAL A 83 8.51 8.88 -13.89
C VAL A 83 8.95 7.98 -15.07
N ILE A 84 8.37 6.79 -15.16
CA ILE A 84 8.74 5.84 -16.22
C ILE A 84 7.72 5.89 -17.37
N LEU A 85 8.22 5.99 -18.59
CA LEU A 85 7.38 6.13 -19.78
C LEU A 85 7.39 4.85 -20.61
N GLY A 86 6.20 4.32 -20.89
CA GLY A 86 6.12 3.12 -21.72
C GLY A 86 6.25 3.45 -23.21
N HIS A 87 6.12 4.73 -23.54
CA HIS A 87 6.29 5.25 -24.91
C HIS A 87 6.20 6.77 -24.83
N PHE A 88 6.40 7.46 -25.96
CA PHE A 88 6.29 8.93 -25.99
C PHE A 88 5.16 9.43 -26.91
N SER A 89 4.30 10.29 -26.39
CA SER A 89 3.31 10.97 -27.22
C SER A 89 3.19 12.43 -26.79
N PRO A 90 3.12 13.33 -27.76
CA PRO A 90 3.04 14.77 -27.48
C PRO A 90 1.79 15.15 -26.67
N ASN A 91 0.71 14.37 -26.73
CA ASN A 91 -0.44 14.75 -25.92
C ASN A 91 -0.27 14.45 -24.42
N ARG A 92 0.88 13.90 -24.04
CA ARG A 92 1.20 13.69 -22.63
C ARG A 92 2.05 14.83 -22.09
N ILE A 93 2.58 15.67 -22.98
CA ILE A 93 3.48 16.76 -22.57
C ILE A 93 2.87 17.66 -21.48
N PRO A 94 1.60 18.10 -21.63
CA PRO A 94 1.06 18.94 -20.56
C PRO A 94 1.05 18.25 -19.18
N THR A 95 0.79 16.96 -19.15
CA THR A 95 0.85 16.22 -17.88
C THR A 95 2.29 16.17 -17.32
N PHE A 96 3.27 15.95 -18.19
CA PHE A 96 4.68 15.95 -17.78
C PHE A 96 5.04 17.34 -17.24
N LYS A 97 4.55 18.37 -17.91
CA LYS A 97 4.85 19.76 -17.54
C LYS A 97 4.32 20.09 -16.15
N ALA A 98 3.11 19.63 -15.84
CA ALA A 98 2.54 19.84 -14.51
C ALA A 98 3.30 19.07 -13.43
N LEU A 99 3.66 17.83 -13.74
CA LEU A 99 4.46 17.00 -12.83
C LEU A 99 5.77 17.67 -12.50
N LEU A 100 6.47 18.13 -13.54
CA LEU A 100 7.74 18.84 -13.39
C LEU A 100 7.62 20.03 -12.44
N GLU A 101 6.58 20.83 -12.61
CA GLU A 101 6.36 21.98 -11.73
C GLU A 101 6.14 21.55 -10.29
N LEU A 102 5.40 20.46 -10.09
CA LEU A 102 5.06 19.99 -8.75
C LEU A 102 6.19 19.19 -8.10
N ALA A 103 6.98 18.54 -8.94
CA ALA A 103 8.05 17.65 -8.47
C ALA A 103 9.28 17.84 -9.34
N PRO A 104 9.97 18.97 -9.14
CA PRO A 104 11.05 19.38 -10.05
C PRO A 104 12.26 18.44 -9.98
N GLN A 105 12.31 17.63 -8.94
CA GLN A 105 13.39 16.67 -8.73
C GLN A 105 13.27 15.35 -9.52
N ILE A 106 12.12 15.11 -10.17
CA ILE A 106 11.90 13.83 -10.83
C ILE A 106 12.91 13.51 -11.94
N THR A 107 13.15 12.22 -12.14
CA THR A 107 13.95 11.79 -13.27
C THR A 107 13.06 10.98 -14.19
N PHE A 108 13.08 11.35 -15.46
CA PHE A 108 12.37 10.61 -16.49
C PHE A 108 13.15 9.38 -16.89
N VAL A 109 12.45 8.25 -16.96
CA VAL A 109 13.06 6.98 -17.33
C VAL A 109 12.32 6.52 -18.59
N CYS A 110 13.06 6.34 -19.67
CA CYS A 110 12.42 6.03 -20.93
C CYS A 110 13.35 5.21 -21.78
N SER A 111 12.81 4.68 -22.87
CA SER A 111 13.64 4.06 -23.85
C SER A 111 14.35 5.19 -24.61
N LEU A 112 15.57 4.90 -25.01
CA LEU A 112 16.44 5.86 -25.69
C LEU A 112 15.79 6.75 -26.77
N PRO A 113 14.97 6.18 -27.67
CA PRO A 113 14.38 7.07 -28.68
C PRO A 113 13.43 8.14 -28.14
N ALA A 114 12.96 8.02 -26.89
CA ALA A 114 12.11 9.06 -26.31
C ALA A 114 12.92 10.20 -25.68
N ALA A 115 14.20 9.98 -25.42
CA ALA A 115 14.98 10.99 -24.67
C ALA A 115 15.08 12.31 -25.44
N GLY A 116 15.32 12.23 -26.74
CA GLY A 116 15.42 13.41 -27.59
C GLY A 116 14.12 14.19 -27.67
N ASP A 117 13.02 13.47 -27.86
CA ASP A 117 11.67 14.05 -27.89
C ASP A 117 11.32 14.81 -26.61
N LEU A 118 11.68 14.22 -25.47
CA LEU A 118 11.43 14.86 -24.18
C LEU A 118 12.17 16.18 -24.08
N ARG A 119 13.47 16.16 -24.36
CA ARG A 119 14.32 17.33 -24.20
C ARG A 119 13.85 18.45 -25.13
N ALA A 120 13.36 18.08 -26.31
CA ALA A 120 12.83 19.05 -27.25
C ALA A 120 11.51 19.66 -26.78
N ALA A 121 10.71 18.89 -26.05
CA ALA A 121 9.44 19.40 -25.53
C ALA A 121 9.63 20.37 -24.38
N PHE A 122 10.80 20.31 -23.74
CA PHE A 122 11.12 21.19 -22.62
C PHE A 122 12.47 21.88 -22.87
N PRO A 123 12.54 22.67 -23.95
CA PRO A 123 13.79 23.16 -24.52
C PRO A 123 14.53 24.13 -23.59
N ASP A 124 13.79 24.95 -22.86
CA ASP A 124 14.40 25.87 -21.90
C ASP A 124 14.21 25.36 -20.48
N ASP A 125 14.47 24.06 -20.31
CA ASP A 125 14.44 23.38 -19.04
C ASP A 125 15.60 22.40 -19.10
N ASN A 126 16.22 22.09 -17.96
CA ASN A 126 17.25 21.05 -18.00
C ASN A 126 16.76 19.75 -17.39
N LEU A 127 16.21 18.89 -18.23
CA LEU A 127 15.55 17.68 -17.77
C LEU A 127 16.54 16.65 -17.25
N ASN A 128 16.13 15.96 -16.20
CA ASN A 128 16.85 14.77 -15.75
C ASN A 128 16.23 13.57 -16.46
N ILE A 129 17.01 12.90 -17.32
CA ILE A 129 16.51 11.74 -18.04
C ILE A 129 17.43 10.53 -17.88
N LEU A 130 16.83 9.38 -17.58
CA LEU A 130 17.57 8.13 -17.47
C LEU A 130 17.13 7.19 -18.61
N PRO A 131 17.86 7.19 -19.72
CA PRO A 131 17.43 6.25 -20.76
C PRO A 131 17.75 4.79 -20.43
N MSE A 132 16.87 3.87 -20.79
CA MSE A 132 17.12 2.47 -20.47
C MSE A 132 17.28 1.66 -21.77
O MSE A 132 16.39 1.63 -22.61
CB MSE A 132 15.99 1.88 -19.59
CG MSE A 132 15.86 2.53 -18.22
SE MSE A 132 17.40 2.30 -17.03
CE MSE A 132 16.58 2.82 -15.33
N ARG A 133 18.44 1.04 -21.92
CA ARG A 133 18.77 0.34 -23.16
C ARG A 133 18.51 -1.18 -23.04
N GLY A 134 18.21 -1.64 -21.84
CA GLY A 134 17.87 -3.04 -21.64
C GLY A 134 18.82 -3.83 -20.76
N LYS A 135 20.04 -3.32 -20.56
CA LYS A 135 21.02 -4.02 -19.73
C LYS A 135 20.91 -3.64 -18.27
N GLU A 136 20.80 -2.34 -18.01
CA GLU A 136 20.81 -1.84 -16.65
C GLU A 136 19.45 -1.96 -15.99
N THR A 137 19.47 -2.11 -14.67
CA THR A 137 18.23 -2.16 -13.90
C THR A 137 18.12 -0.93 -13.03
N LEU A 138 16.94 -0.75 -12.45
CA LEU A 138 16.69 0.35 -11.53
C LEU A 138 16.16 -0.21 -10.22
N ASP A 139 16.95 -0.06 -9.16
CA ASP A 139 16.54 -0.58 -7.86
C ASP A 139 15.77 0.49 -7.08
N LEU A 140 14.50 0.21 -6.81
CA LEU A 140 13.67 1.09 -5.98
C LEU A 140 13.83 0.77 -4.50
N GLY A 141 14.54 -0.32 -4.20
CA GLY A 141 14.70 -0.78 -2.83
C GLY A 141 13.61 -1.76 -2.43
N LYS A 142 13.77 -2.38 -1.26
CA LYS A 142 12.82 -3.35 -0.72
C LYS A 142 12.53 -4.53 -1.66
N GLY A 143 13.44 -4.76 -2.59
CA GLY A 143 13.32 -5.86 -3.52
C GLY A 143 12.80 -5.43 -4.89
N HIS A 144 12.31 -4.21 -4.99
CA HIS A 144 11.72 -3.72 -6.23
C HIS A 144 12.77 -3.31 -7.22
N VAL A 145 13.43 -4.31 -7.81
CA VAL A 145 14.39 -4.08 -8.87
C VAL A 145 13.62 -4.13 -10.18
N LEU A 146 13.73 -3.05 -10.96
CA LEU A 146 13.03 -2.95 -12.24
C LEU A 146 13.93 -3.40 -13.39
N LYS A 147 13.44 -4.34 -14.19
CA LYS A 147 14.13 -4.73 -15.42
C LYS A 147 13.42 -4.03 -16.59
N PHE A 148 14.19 -3.59 -17.58
CA PHE A 148 13.64 -2.87 -18.72
C PHE A 148 13.81 -3.59 -20.05
N LEU A 149 12.71 -3.69 -20.79
CA LEU A 149 12.72 -4.42 -22.06
C LEU A 149 12.20 -3.49 -23.16
N PRO A 150 13.13 -2.83 -23.86
CA PRO A 150 12.70 -1.95 -24.95
C PRO A 150 12.06 -2.82 -26.01
N ILE A 151 10.90 -2.38 -26.48
CA ILE A 151 10.23 -3.05 -27.59
C ILE A 151 9.97 -2.05 -28.71
N PRO A 152 11.05 -1.54 -29.34
CA PRO A 152 10.88 -0.51 -30.35
C PRO A 152 10.10 -1.05 -31.58
N SER A 153 9.17 -0.24 -32.08
CA SER A 153 8.41 -0.56 -33.27
C SER A 153 8.20 0.74 -34.07
N PRO A 154 7.88 0.61 -35.36
CA PRO A 154 7.67 1.81 -36.18
C PRO A 154 6.63 2.77 -35.57
N ARG A 155 5.55 2.23 -35.03
CA ARG A 155 4.52 3.04 -34.37
CA ARG A 155 4.54 3.07 -34.38
C ARG A 155 4.99 3.65 -33.03
N TRP A 156 5.72 2.86 -32.23
CA TRP A 156 6.29 3.32 -30.95
C TRP A 156 7.79 3.02 -30.85
N PRO A 157 8.63 3.88 -31.43
CA PRO A 157 10.08 3.65 -31.40
C PRO A 157 10.60 3.55 -29.97
N ALA A 158 9.91 4.21 -29.04
CA ALA A 158 10.36 4.21 -27.65
C ALA A 158 9.52 3.28 -26.77
N GLY A 159 8.80 2.36 -27.40
CA GLY A 159 8.02 1.38 -26.66
C GLY A 159 8.86 0.65 -25.64
N LEU A 160 8.37 0.53 -24.41
CA LEU A 160 9.16 -0.03 -23.33
C LEU A 160 8.25 -0.79 -22.40
N CYS A 161 8.62 -2.02 -22.05
CA CYS A 161 7.99 -2.76 -20.96
C CYS A 161 8.91 -2.72 -19.74
N THR A 162 8.33 -2.72 -18.55
CA THR A 162 9.09 -2.68 -17.31
C THR A 162 8.61 -3.81 -16.44
N TYR A 163 9.55 -4.53 -15.82
CA TYR A 163 9.21 -5.69 -15.02
C TYR A 163 9.73 -5.51 -13.59
N ASP A 164 8.85 -5.64 -12.61
CA ASP A 164 9.24 -5.51 -11.21
C ASP A 164 9.48 -6.92 -10.69
N VAL A 165 10.74 -7.25 -10.43
CA VAL A 165 11.07 -8.61 -10.03
C VAL A 165 10.39 -9.00 -8.71
N GLN A 166 10.15 -8.02 -7.83
CA GLN A 166 9.54 -8.32 -6.52
C GLN A 166 8.10 -8.81 -6.65
N THR A 167 7.32 -8.16 -7.49
CA THR A 167 5.90 -8.45 -7.59
C THR A 167 5.57 -9.29 -8.83
N GLN A 168 6.56 -9.46 -9.71
CA GLN A 168 6.35 -10.17 -11.00
C GLN A 168 5.26 -9.54 -11.86
N ILE A 169 5.15 -8.23 -11.77
CA ILE A 169 4.21 -7.49 -12.60
C ILE A 169 5.00 -6.94 -13.80
N LEU A 170 4.42 -7.11 -14.98
CA LEU A 170 4.98 -6.52 -16.18
C LEU A 170 4.11 -5.35 -16.61
N TYR A 171 4.72 -4.17 -16.71
CA TYR A 171 4.03 -2.94 -17.11
C TYR A 171 4.17 -2.85 -18.62
N THR A 172 3.06 -2.97 -19.34
CA THR A 172 3.11 -3.24 -20.78
C THR A 172 2.56 -2.09 -21.60
N ASP A 173 2.06 -1.05 -20.91
CA ASP A 173 1.57 0.18 -21.56
C ASP A 173 0.57 -0.18 -22.67
N LYS A 174 0.90 0.12 -23.93
CA LYS A 174 -0.03 -0.15 -25.03
C LYS A 174 -0.27 -1.63 -25.32
N ILE A 175 0.62 -2.52 -24.89
CA ILE A 175 0.42 -3.93 -25.25
C ILE A 175 -0.61 -4.60 -24.31
N PHE A 176 -1.50 -5.41 -24.90
CA PHE A 176 -2.48 -6.25 -24.18
C PHE A 176 -3.72 -5.57 -23.59
N GLY A 177 -3.99 -4.32 -23.95
CA GLY A 177 -5.10 -3.59 -23.33
C GLY A 177 -6.45 -3.75 -24.01
N ALA A 178 -7.39 -2.92 -23.56
CA ALA A 178 -8.73 -2.91 -24.16
C ALA A 178 -9.40 -1.58 -23.87
N HIS A 179 -10.08 -1.01 -24.86
CA HIS A 179 -10.79 0.24 -24.62
C HIS A 179 -12.19 -0.01 -24.08
N ILE A 180 -12.26 -0.16 -22.76
CA ILE A 180 -13.52 -0.42 -22.09
C ILE A 180 -13.43 0.10 -20.66
N CYS A 181 -14.45 0.86 -20.27
CA CYS A 181 -14.53 1.41 -18.91
C CYS A 181 -15.58 0.65 -18.11
N GLY A 182 -15.20 0.18 -16.93
CA GLY A 182 -16.10 -0.53 -16.04
C GLY A 182 -15.63 -0.42 -14.60
N ASP A 183 -16.36 -1.02 -13.67
CA ASP A 183 -15.96 -0.96 -12.26
C ASP A 183 -14.86 -1.97 -11.93
N ASP A 184 -14.82 -3.09 -12.66
CA ASP A 184 -13.83 -4.14 -12.40
C ASP A 184 -12.41 -3.73 -12.79
N VAL A 185 -11.50 -3.77 -11.83
CA VAL A 185 -10.10 -3.39 -12.05
C VAL A 185 -9.31 -4.49 -12.78
N PHE A 186 -9.61 -5.73 -12.44
CA PHE A 186 -8.89 -6.89 -12.98
C PHE A 186 -9.76 -7.63 -13.97
N ASP A 187 -9.13 -8.35 -14.90
CA ASP A 187 -9.85 -9.10 -15.91
C ASP A 187 -10.74 -10.17 -15.28
N GLU A 191 -12.19 -13.36 -18.48
CA GLU A 191 -13.64 -13.25 -18.60
C GLU A 191 -14.03 -12.56 -19.90
N SER A 192 -15.31 -12.18 -20.02
CA SER A 192 -15.82 -11.71 -21.31
C SER A 192 -15.74 -10.21 -21.60
N PHE A 193 -14.53 -9.75 -21.85
CA PHE A 193 -14.30 -8.59 -22.69
C PHE A 193 -13.24 -9.08 -23.68
N LYS A 194 -13.32 -10.37 -24.01
CA LYS A 194 -12.47 -10.94 -25.04
C LYS A 194 -12.66 -10.19 -26.34
N GLU A 195 -13.91 -9.83 -26.63
CA GLU A 195 -14.24 -9.08 -27.84
C GLU A 195 -13.53 -7.72 -27.85
N ASP A 196 -13.44 -7.10 -26.68
CA ASP A 196 -12.78 -5.81 -26.59
C ASP A 196 -11.26 -5.95 -26.76
N GLN A 197 -10.67 -6.98 -26.17
CA GLN A 197 -9.23 -7.20 -26.32
C GLN A 197 -8.87 -7.54 -27.78
N ARG A 198 -9.73 -8.30 -28.44
CA ARG A 198 -9.50 -8.63 -29.84
C ARG A 198 -9.61 -7.41 -30.75
N TYR A 199 -10.64 -6.60 -30.51
CA TYR A 199 -10.84 -5.39 -31.28
C TYR A 199 -9.66 -4.45 -31.11
N TYR A 200 -9.15 -4.38 -29.87
CA TYR A 200 -8.01 -3.55 -29.55
C TYR A 200 -6.79 -4.01 -30.33
N PHE A 201 -6.53 -5.32 -30.34
CA PHE A 201 -5.45 -5.89 -31.13
C PHE A 201 -5.58 -5.48 -32.61
N ASN A 202 -6.76 -5.70 -33.18
CA ASN A 202 -7.01 -5.38 -34.58
C ASN A 202 -6.88 -3.90 -34.92
N CYS A 203 -7.24 -3.03 -33.99
CA CYS A 203 -7.12 -1.58 -34.19
C CYS A 203 -5.67 -1.13 -34.09
N LEU A 204 -4.99 -1.55 -33.02
CA LEU A 204 -3.70 -0.96 -32.64
C LEU A 204 -2.44 -1.84 -32.79
N MSE A 205 -2.60 -3.16 -32.77
CA MSE A 205 -1.45 -4.06 -32.78
C MSE A 205 -1.24 -4.69 -34.15
O MSE A 205 -0.10 -4.85 -34.61
CB MSE A 205 -1.63 -5.22 -31.79
CG MSE A 205 -1.81 -4.78 -30.31
SE MSE A 205 -0.15 -4.14 -29.54
CE MSE A 205 0.83 -5.80 -29.36
N ALA A 206 -2.35 -5.07 -34.78
CA ALA A 206 -2.32 -5.88 -35.99
C ALA A 206 -1.41 -5.34 -37.12
N PRO A 207 -1.42 -4.02 -37.36
CA PRO A 207 -0.53 -3.56 -38.44
C PRO A 207 0.96 -3.76 -38.16
N HIS A 208 1.31 -4.08 -36.93
CA HIS A 208 2.71 -4.22 -36.56
C HIS A 208 2.96 -5.64 -36.08
N ALA A 209 2.30 -6.61 -36.69
CA ALA A 209 2.33 -7.99 -36.20
C ALA A 209 3.73 -8.60 -36.00
N ILE A 210 4.68 -8.37 -36.92
CA ILE A 210 6.02 -8.91 -36.69
C ILE A 210 6.69 -8.31 -35.43
N HIS A 211 6.38 -7.05 -35.14
CA HIS A 211 6.91 -6.48 -33.91
C HIS A 211 6.19 -7.01 -32.67
N VAL A 212 4.89 -7.30 -32.78
CA VAL A 212 4.20 -7.92 -31.65
C VAL A 212 4.84 -9.27 -31.29
N GLU A 213 5.17 -10.05 -32.33
CA GLU A 213 5.83 -11.34 -32.14
C GLU A 213 7.17 -11.18 -31.45
N ALA A 214 7.94 -10.18 -31.87
CA ALA A 214 9.25 -9.91 -31.28
C ALA A 214 9.10 -9.54 -29.80
N ALA A 215 8.09 -8.73 -29.49
CA ALA A 215 7.80 -8.38 -28.10
C ALA A 215 7.44 -9.60 -27.25
N LEU A 216 6.58 -10.45 -27.79
CA LEU A 216 6.19 -11.68 -27.10
C LEU A 216 7.41 -12.56 -26.81
N GLU A 217 8.30 -12.66 -27.79
CA GLU A 217 9.52 -13.45 -27.57
C GLU A 217 10.37 -12.86 -26.43
N LYS A 218 10.51 -11.53 -26.42
CA LYS A 218 11.26 -10.83 -25.36
C LYS A 218 10.74 -11.10 -23.96
N ILE A 219 9.43 -11.07 -23.80
CA ILE A 219 8.87 -11.25 -22.47
C ILE A 219 8.71 -12.72 -22.09
N SER A 220 8.83 -13.62 -23.06
CA SER A 220 8.55 -15.05 -22.84
C SER A 220 9.37 -15.70 -21.73
N ASP A 221 10.59 -15.23 -21.48
CA ASP A 221 11.36 -15.78 -20.37
C ASP A 221 11.02 -15.21 -18.98
N LEU A 222 10.10 -14.25 -18.92
CA LEU A 222 9.72 -13.65 -17.65
C LEU A 222 8.67 -14.48 -16.92
N GLN A 223 8.81 -14.55 -15.61
CA GLN A 223 7.74 -15.10 -14.79
C GLN A 223 6.78 -13.98 -14.39
N VAL A 224 5.60 -13.95 -15.01
CA VAL A 224 4.67 -12.83 -14.85
C VAL A 224 3.33 -13.23 -14.23
N ARG A 225 2.93 -12.50 -13.21
CA ARG A 225 1.65 -12.74 -12.54
C ARG A 225 0.57 -11.78 -13.02
N LEU A 226 0.98 -10.64 -13.57
CA LEU A 226 0.02 -9.61 -13.99
C LEU A 226 0.58 -8.80 -15.14
N TYR A 227 -0.27 -8.55 -16.16
CA TYR A 227 0.03 -7.50 -17.15
C TYR A 227 -0.65 -6.23 -16.66
N ALA A 228 0.15 -5.30 -16.15
CA ALA A 228 -0.32 -3.98 -15.77
C ALA A 228 -0.38 -3.12 -17.03
N VAL A 229 -1.47 -3.25 -17.75
CA VAL A 229 -1.66 -2.63 -19.06
C VAL A 229 -2.03 -1.14 -18.97
N GLY A 230 -1.88 -0.42 -20.08
CA GLY A 230 -2.18 0.98 -20.16
C GLY A 230 -3.66 1.30 -20.27
N HIS A 231 -4.46 0.37 -20.82
CA HIS A 231 -5.87 0.64 -21.06
C HIS A 231 -6.74 -0.52 -20.64
N GLY A 232 -7.79 -0.24 -19.88
CA GLY A 232 -8.73 -1.28 -19.52
C GLY A 232 -8.39 -2.02 -18.24
N PRO A 233 -9.04 -3.15 -18.02
CA PRO A 233 -8.78 -4.04 -16.89
C PRO A 233 -7.37 -4.62 -16.92
N LEU A 234 -6.79 -4.74 -15.74
CA LEU A 234 -5.47 -5.33 -15.56
C LEU A 234 -5.59 -6.82 -15.85
N VAL A 235 -4.64 -7.36 -16.59
CA VAL A 235 -4.77 -8.72 -17.06
C VAL A 235 -4.08 -9.70 -16.12
N ARG A 236 -4.89 -10.42 -15.37
CA ARG A 236 -4.42 -11.31 -14.32
C ARG A 236 -4.69 -12.75 -14.73
N THR A 237 -5.92 -13.20 -14.50
CA THR A 237 -6.25 -14.60 -14.76
C THR A 237 -6.25 -14.92 -16.24
N SER A 238 -6.54 -13.93 -17.08
CA SER A 238 -6.61 -14.18 -18.52
C SER A 238 -5.27 -13.96 -19.23
N LEU A 239 -4.21 -13.75 -18.44
CA LEU A 239 -2.87 -13.43 -18.96
C LEU A 239 -2.33 -14.45 -19.96
N ILE A 240 -2.33 -15.72 -19.57
CA ILE A 240 -1.74 -16.76 -20.41
C ILE A 240 -2.56 -16.94 -21.68
N ALA A 241 -3.88 -16.96 -21.54
CA ALA A 241 -4.76 -17.09 -22.69
C ALA A 241 -4.66 -15.89 -23.64
N LEU A 242 -4.48 -14.70 -23.10
CA LEU A 242 -4.41 -13.52 -23.94
C LEU A 242 -3.08 -13.53 -24.68
N THR A 243 -2.03 -13.97 -23.99
CA THR A 243 -0.71 -14.02 -24.57
C THR A 243 -0.73 -15.02 -25.75
N GLN A 244 -1.39 -16.16 -25.55
CA GLN A 244 -1.51 -17.14 -26.63
C GLN A 244 -2.31 -16.56 -27.79
N ALA A 245 -3.40 -15.85 -27.47
CA ALA A 245 -4.20 -15.17 -28.49
C ALA A 245 -3.43 -14.15 -29.31
N TYR A 246 -2.63 -13.31 -28.64
CA TYR A 246 -1.75 -12.36 -29.34
C TYR A 246 -0.82 -13.07 -30.33
N ALA A 247 -0.27 -14.18 -29.89
CA ALA A 247 0.57 -15.01 -30.76
C ALA A 247 -0.22 -15.53 -31.96
N ASP A 248 -1.41 -16.09 -31.70
CA ASP A 248 -2.22 -16.62 -32.80
C ASP A 248 -2.70 -15.52 -33.76
N TRP A 249 -3.23 -14.45 -33.20
CA TRP A 249 -3.68 -13.30 -33.99
C TRP A 249 -2.52 -12.72 -34.82
N SER A 250 -1.32 -12.65 -34.25
CA SER A 250 -0.17 -12.11 -34.98
C SER A 250 0.23 -12.98 -36.17
N LYS A 251 0.30 -14.29 -35.99
CA LYS A 251 0.68 -15.12 -37.14
C LYS A 251 -0.37 -15.08 -38.24
N ALA A 252 -1.65 -15.00 -37.86
CA ALA A 252 -2.73 -14.83 -38.83
C ALA A 252 -2.60 -13.54 -39.67
N GLN A 253 -2.30 -12.44 -39.00
CA GLN A 253 -2.18 -11.15 -39.63
C GLN A 253 -1.06 -11.16 -40.66
N LYS A 254 0.00 -11.88 -40.35
CA LYS A 254 1.14 -12.01 -41.25
C LYS A 254 0.73 -12.65 -42.57
N LEU A 255 -0.26 -13.52 -42.52
CA LEU A 255 -0.75 -14.16 -43.73
C LEU A 255 -1.44 -13.13 -44.61
N GLU A 256 -2.24 -12.28 -43.98
CA GLU A 256 -3.01 -11.27 -44.70
C GLU A 256 -2.07 -10.23 -45.27
N HIS A 257 -1.16 -9.75 -44.41
CA HIS A 257 -0.13 -8.76 -44.78
C HIS A 257 0.53 -9.13 -46.11
N HIS A 258 1.00 -10.37 -46.20
CA HIS A 258 1.58 -10.83 -47.45
C HIS A 258 0.57 -10.76 -48.60
N HIS A 259 -0.69 -11.10 -48.29
CA HIS A 259 -1.83 -11.26 -49.21
C HIS A 259 -2.02 -12.73 -49.58
N LYS B 5 -22.20 -1.28 6.66
CA LYS B 5 -20.92 -1.40 5.97
C LYS B 5 -20.15 -2.62 6.48
N PRO B 6 -19.48 -3.34 5.57
CA PRO B 6 -18.70 -4.53 5.95
C PRO B 6 -17.42 -4.15 6.68
N ARG B 7 -16.66 -5.15 7.09
CA ARG B 7 -15.39 -4.90 7.77
C ARG B 7 -14.28 -4.69 6.76
N ASP B 8 -13.44 -3.70 7.01
CA ASP B 8 -12.32 -3.41 6.11
C ASP B 8 -11.03 -3.17 6.91
N VAL B 9 -9.92 -3.14 6.20
CA VAL B 9 -8.66 -2.72 6.81
C VAL B 9 -8.25 -1.41 6.17
N GLN B 10 -8.12 -0.40 7.02
CA GLN B 10 -7.75 0.93 6.58
C GLN B 10 -6.25 1.14 6.82
N VAL B 11 -5.51 1.42 5.74
CA VAL B 11 -4.05 1.60 5.82
C VAL B 11 -3.68 3.05 5.58
N LEU B 12 -2.80 3.59 6.44
CA LEU B 12 -2.33 4.97 6.27
C LEU B 12 -0.89 5.13 6.78
N PRO B 13 -0.03 5.86 6.04
CA PRO B 13 1.23 6.30 6.64
C PRO B 13 0.95 7.29 7.76
N ILE B 14 1.68 7.23 8.87
CA ILE B 14 1.40 8.07 10.03
C ILE B 14 2.65 8.80 10.50
N ALA B 15 3.82 8.33 10.08
CA ALA B 15 5.07 9.01 10.39
C ALA B 15 6.12 8.43 9.46
N THR B 16 7.35 8.88 9.63
CA THR B 16 8.46 8.42 8.79
C THR B 16 8.58 6.91 8.91
N ASN B 17 8.49 6.22 7.76
CA ASN B 17 8.62 4.77 7.66
C ASN B 17 7.60 3.97 8.48
N THR B 18 6.51 4.62 8.84
CA THR B 18 5.53 4.02 9.74
C THR B 18 4.12 4.04 9.15
N LYS B 19 3.44 2.90 9.21
CA LYS B 19 2.07 2.81 8.71
C LYS B 19 1.20 2.16 9.76
N VAL B 20 -0.06 2.54 9.77
CA VAL B 20 -1.06 1.87 10.60
C VAL B 20 -1.97 1.05 9.68
N LEU B 21 -2.36 -0.12 10.16
CA LEU B 21 -3.41 -0.91 9.53
C LEU B 21 -4.56 -1.00 10.54
N ARG B 22 -5.66 -0.33 10.27
CA ARG B 22 -6.81 -0.40 11.18
C ARG B 22 -7.85 -1.38 10.66
N ALA B 23 -7.98 -2.51 11.35
CA ALA B 23 -9.05 -3.45 11.07
C ALA B 23 -10.36 -2.92 11.64
N ARG B 24 -11.28 -2.53 10.75
CA ARG B 24 -12.47 -1.79 11.18
C ARG B 24 -13.74 -2.65 11.24
N SER B 25 -14.52 -2.46 12.30
CA SER B 25 -15.81 -3.13 12.43
C SER B 25 -16.86 -2.10 12.78
N TRP B 26 -17.92 -2.04 11.99
CA TRP B 26 -18.97 -1.04 12.21
C TRP B 26 -19.96 -1.46 13.31
N SER B 27 -19.95 -2.74 13.65
CA SER B 27 -20.71 -3.27 14.78
C SER B 27 -19.82 -3.66 15.96
N ARG B 28 -20.38 -4.39 16.92
CA ARG B 28 -19.58 -4.97 18.00
C ARG B 28 -18.92 -6.26 17.54
N LEU B 29 -17.84 -6.64 18.22
CA LEU B 29 -17.18 -7.90 17.93
C LEU B 29 -17.75 -9.00 18.81
N ARG B 30 -18.36 -8.59 19.92
CA ARG B 30 -18.94 -9.55 20.85
C ARG B 30 -19.93 -8.81 21.75
N PHE B 31 -20.85 -9.54 22.35
CA PHE B 31 -21.86 -8.93 23.21
C PHE B 31 -21.32 -8.62 24.59
N GLU B 32 -20.38 -7.68 24.67
CA GLU B 32 -19.76 -7.31 25.93
C GLU B 32 -20.01 -5.83 26.23
N ILE B 33 -19.75 -5.43 27.48
CA ILE B 33 -19.99 -4.06 27.91
C ILE B 33 -19.07 -3.03 27.24
N GLU B 34 -17.92 -3.46 26.74
CA GLU B 34 -17.00 -2.51 26.11
C GLU B 34 -17.54 -1.96 24.78
N TYR B 35 -18.46 -2.71 24.17
CA TYR B 35 -19.09 -2.28 22.92
C TYR B 35 -20.49 -1.71 23.13
N ALA B 36 -20.88 -1.50 24.39
CA ALA B 36 -22.26 -1.13 24.74
C ALA B 36 -22.64 0.31 24.41
N LEU B 37 -21.69 1.11 23.95
CA LEU B 37 -22.03 2.45 23.44
C LEU B 37 -22.44 2.35 21.97
N GLU B 38 -22.25 1.17 21.39
CA GLU B 38 -22.73 0.83 20.05
C GLU B 38 -22.14 1.66 18.89
N ARG B 39 -20.86 2.03 18.99
CA ARG B 39 -20.25 2.85 17.95
C ARG B 39 -19.18 2.11 17.13
N GLY B 40 -19.25 0.79 17.08
CA GLY B 40 -18.27 -0.01 16.37
C GLY B 40 -16.92 -0.03 17.06
N THR B 41 -15.88 -0.47 16.33
CA THR B 41 -14.51 -0.46 16.86
C THR B 41 -13.46 -0.65 15.77
N THR B 42 -12.20 -0.44 16.13
CA THR B 42 -11.10 -0.88 15.28
C THR B 42 -10.06 -1.62 16.10
N SER B 43 -9.32 -2.50 15.43
CA SER B 43 -8.11 -3.09 15.99
C SER B 43 -6.91 -2.58 15.16
N ASN B 44 -6.03 -1.82 15.80
CA ASN B 44 -4.92 -1.19 15.07
C ASN B 44 -3.61 -1.95 15.20
N SER B 45 -2.99 -2.21 14.06
CA SER B 45 -1.69 -2.84 14.01
C SER B 45 -0.74 -1.87 13.30
N TYR B 46 0.56 -1.97 13.54
CA TYR B 46 1.52 -1.01 12.98
C TYR B 46 2.71 -1.68 12.28
N VAL B 47 3.28 -0.99 11.29
CA VAL B 47 4.47 -1.45 10.57
C VAL B 47 5.54 -0.35 10.60
N ILE B 48 6.75 -0.68 11.02
CA ILE B 48 7.84 0.28 11.02
C ILE B 48 8.96 -0.28 10.17
N GLU B 49 9.34 0.44 9.12
CA GLU B 49 10.31 -0.08 8.20
C GLU B 49 11.63 0.69 8.27
N GLY B 50 12.56 0.17 9.07
CA GLY B 50 13.92 0.65 9.04
C GLY B 50 14.73 -0.24 8.11
N ASP B 51 15.94 -0.59 8.54
CA ASP B 51 16.72 -1.58 7.81
C ASP B 51 16.12 -2.95 8.12
N LYS B 52 15.59 -3.08 9.33
CA LYS B 52 14.78 -4.25 9.69
C LYS B 52 13.31 -3.81 9.74
N THR B 53 12.40 -4.77 9.60
CA THR B 53 10.97 -4.45 9.59
C THR B 53 10.24 -5.12 10.76
N ALA B 54 9.45 -4.35 11.48
CA ALA B 54 8.71 -4.86 12.63
C ALA B 54 7.24 -4.55 12.48
N ILE B 55 6.39 -5.53 12.81
CA ILE B 55 4.97 -5.23 12.92
C ILE B 55 4.59 -5.30 14.39
N ILE B 56 3.57 -4.55 14.75
CA ILE B 56 3.12 -4.48 16.12
C ILE B 56 1.63 -4.83 16.21
N ASP B 57 1.31 -5.77 17.11
CA ASP B 57 -0.07 -6.18 17.41
C ASP B 57 -1.01 -6.67 16.27
N PRO B 58 -0.73 -7.86 15.68
CA PRO B 58 -1.66 -8.50 14.75
C PRO B 58 -3.01 -8.79 15.42
N PRO B 59 -4.12 -8.57 14.70
CA PRO B 59 -5.46 -8.57 15.31
C PRO B 59 -5.98 -9.96 15.65
N VAL B 60 -7.20 -10.02 16.20
CA VAL B 60 -7.84 -11.30 16.50
C VAL B 60 -8.29 -12.00 15.23
N GLU B 61 -8.63 -13.28 15.38
CA GLU B 61 -9.06 -14.15 14.27
C GLU B 61 -10.19 -13.54 13.45
N SER B 62 -11.07 -12.80 14.12
CA SER B 62 -12.19 -12.11 13.48
C SER B 62 -11.77 -11.25 12.27
N PHE B 63 -10.67 -10.51 12.42
CA PHE B 63 -10.17 -9.61 11.38
C PHE B 63 -9.06 -10.22 10.55
N MSE B 64 -8.81 -11.51 10.73
CA MSE B 64 -7.58 -12.13 10.24
C MSE B 64 -7.38 -12.14 8.72
O MSE B 64 -6.33 -11.72 8.25
CB MSE B 64 -7.46 -13.56 10.77
CG MSE B 64 -6.22 -14.29 10.30
SE MSE B 64 -6.23 -16.12 10.97
CE MSE B 64 -8.01 -16.64 10.39
N LYS B 65 -8.37 -12.62 7.97
CA LYS B 65 -8.24 -12.73 6.52
C LYS B 65 -7.96 -11.37 5.88
N ILE B 66 -8.82 -10.39 6.17
CA ILE B 66 -8.62 -9.06 5.62
C ILE B 66 -7.30 -8.41 6.07
N TYR B 67 -6.84 -8.75 7.27
CA TYR B 67 -5.56 -8.24 7.77
C TYR B 67 -4.38 -8.75 6.98
N LEU B 68 -4.27 -10.07 6.85
CA LEU B 68 -3.15 -10.67 6.11
C LEU B 68 -3.09 -10.18 4.65
N GLU B 69 -4.25 -9.95 4.06
CA GLU B 69 -4.33 -9.40 2.71
C GLU B 69 -3.79 -7.97 2.66
N ALA B 70 -4.19 -7.14 3.63
CA ALA B 70 -3.68 -5.77 3.70
C ALA B 70 -2.17 -5.71 3.96
N LEU B 71 -1.69 -6.57 4.86
CA LEU B 71 -0.28 -6.57 5.25
C LEU B 71 0.65 -6.91 4.09
N GLN B 72 0.25 -7.87 3.27
CA GLN B 72 1.02 -8.24 2.08
C GLN B 72 1.15 -7.07 1.10
N GLN B 73 0.08 -6.31 0.94
CA GLN B 73 0.11 -5.12 0.09
C GLN B 73 1.11 -4.08 0.59
N THR B 74 1.50 -4.19 1.86
CA THR B 74 2.31 -3.15 2.53
C THR B 74 3.76 -3.56 2.66
N VAL B 75 3.98 -4.84 2.95
CA VAL B 75 5.32 -5.39 3.15
C VAL B 75 5.40 -6.83 2.71
N ASN B 76 6.58 -7.21 2.28
CA ASN B 76 6.86 -8.59 1.91
C ASN B 76 7.08 -9.40 3.18
N LEU B 77 6.16 -10.34 3.44
CA LEU B 77 6.17 -11.10 4.70
C LEU B 77 7.48 -11.84 4.93
N LYS B 78 8.10 -12.29 3.85
CA LYS B 78 9.36 -13.02 3.93
C LYS B 78 10.53 -12.14 4.37
N LYS B 79 10.36 -10.82 4.27
CA LYS B 79 11.37 -9.88 4.73
C LYS B 79 11.01 -9.33 6.14
N LEU B 80 9.89 -9.80 6.67
CA LEU B 80 9.44 -9.37 7.99
C LEU B 80 10.41 -9.87 9.05
N ASP B 81 10.94 -8.97 9.85
CA ASP B 81 11.88 -9.36 10.90
C ASP B 81 11.16 -9.65 12.22
N TYR B 82 10.61 -8.60 12.83
CA TYR B 82 10.06 -8.71 14.18
C TYR B 82 8.54 -8.58 14.24
N VAL B 83 7.93 -9.28 15.21
CA VAL B 83 6.52 -9.14 15.50
C VAL B 83 6.40 -8.82 17.00
N ILE B 84 5.99 -7.60 17.32
CA ILE B 84 5.97 -7.13 18.69
C ILE B 84 4.58 -7.16 19.31
N LEU B 85 4.46 -7.74 20.51
CA LEU B 85 3.16 -7.90 21.13
C LEU B 85 3.01 -6.93 22.31
N GLY B 86 1.89 -6.23 22.36
CA GLY B 86 1.65 -5.30 23.45
C GLY B 86 1.12 -6.04 24.67
N HIS B 87 0.59 -7.24 24.42
CA HIS B 87 0.09 -8.13 25.45
C HIS B 87 -0.13 -9.47 24.77
N PHE B 88 -0.45 -10.50 25.54
CA PHE B 88 -0.76 -11.80 24.97
C PHE B 88 -2.22 -12.17 25.24
N SER B 89 -2.93 -12.61 24.21
CA SER B 89 -4.31 -13.06 24.35
C SER B 89 -4.53 -14.32 23.51
N PRO B 90 -5.17 -15.33 24.09
CA PRO B 90 -5.42 -16.61 23.41
C PRO B 90 -6.16 -16.45 22.07
N ASN B 91 -7.18 -15.58 22.04
CA ASN B 91 -7.98 -15.38 20.82
C ASN B 91 -7.21 -14.81 19.63
N ARG B 92 -5.91 -14.58 19.80
CA ARG B 92 -5.08 -14.10 18.70
C ARG B 92 -4.17 -15.18 18.14
N ILE B 93 -4.12 -16.33 18.81
CA ILE B 93 -3.40 -17.50 18.30
C ILE B 93 -3.71 -17.84 16.84
N PRO B 94 -4.99 -17.81 16.43
CA PRO B 94 -5.24 -18.15 15.02
C PRO B 94 -4.53 -17.21 14.04
N THR B 95 -4.42 -15.93 14.39
CA THR B 95 -3.73 -14.98 13.52
C THR B 95 -2.22 -15.19 13.54
N PHE B 96 -1.67 -15.41 14.73
CA PHE B 96 -0.25 -15.71 14.89
C PHE B 96 0.09 -16.96 14.09
N LYS B 97 -0.83 -17.92 14.05
CA LYS B 97 -0.56 -19.18 13.36
C LYS B 97 -0.51 -18.93 11.85
N ALA B 98 -1.48 -18.16 11.36
CA ALA B 98 -1.56 -17.78 9.96
C ALA B 98 -0.30 -17.02 9.52
N LEU B 99 0.25 -16.24 10.44
CA LEU B 99 1.46 -15.46 10.16
C LEU B 99 2.71 -16.34 10.11
N LEU B 100 2.80 -17.27 11.05
CA LEU B 100 3.96 -18.15 11.15
C LEU B 100 4.14 -19.01 9.91
N GLU B 101 3.04 -19.29 9.22
CA GLU B 101 3.07 -20.18 8.07
C GLU B 101 3.25 -19.39 6.77
N LEU B 102 3.00 -18.09 6.82
CA LEU B 102 3.31 -17.20 5.70
C LEU B 102 4.71 -16.60 5.87
N ALA B 103 5.13 -16.45 7.13
CA ALA B 103 6.41 -15.85 7.47
C ALA B 103 7.04 -16.59 8.65
N PRO B 104 7.67 -17.74 8.38
CA PRO B 104 8.28 -18.59 9.42
C PRO B 104 9.53 -17.99 10.06
N GLN B 105 10.17 -17.06 9.37
CA GLN B 105 11.41 -16.44 9.84
C GLN B 105 11.23 -15.38 10.94
N ILE B 106 10.00 -14.93 11.16
CA ILE B 106 9.74 -13.82 12.09
C ILE B 106 10.21 -14.11 13.52
N THR B 107 10.70 -13.07 14.19
CA THR B 107 11.03 -13.13 15.61
C THR B 107 9.95 -12.46 16.47
N PHE B 108 9.43 -13.16 17.47
CA PHE B 108 8.48 -12.53 18.39
C PHE B 108 9.19 -11.68 19.44
N VAL B 109 8.70 -10.48 19.65
CA VAL B 109 9.25 -9.58 20.65
C VAL B 109 8.16 -9.21 21.66
N CYS B 110 8.31 -9.67 22.90
CA CYS B 110 7.25 -9.51 23.88
C CYS B 110 7.78 -9.30 25.29
N SER B 111 6.87 -9.11 26.25
CA SER B 111 7.26 -9.08 27.64
C SER B 111 7.50 -10.51 28.08
N LEU B 112 8.49 -10.70 28.95
CA LEU B 112 8.85 -12.03 29.43
C LEU B 112 7.65 -12.94 29.76
N PRO B 113 6.64 -12.43 30.51
CA PRO B 113 5.45 -13.25 30.74
C PRO B 113 4.83 -13.91 29.49
N ALA B 114 4.63 -13.14 28.42
CA ALA B 114 4.01 -13.66 27.20
C ALA B 114 4.83 -14.77 26.55
N ALA B 115 6.16 -14.59 26.55
CA ALA B 115 7.08 -15.56 25.95
C ALA B 115 6.73 -17.02 26.26
N GLY B 116 6.27 -17.27 27.48
CA GLY B 116 5.94 -18.61 27.92
C GLY B 116 4.63 -19.16 27.37
N ASP B 117 3.58 -18.34 27.39
CA ASP B 117 2.27 -18.78 26.95
C ASP B 117 2.22 -18.94 25.44
N LEU B 118 3.18 -18.30 24.76
CA LEU B 118 3.30 -18.42 23.32
C LEU B 118 3.73 -19.84 22.96
N ARG B 119 4.78 -20.30 23.62
CA ARG B 119 5.31 -21.64 23.39
C ARG B 119 4.25 -22.70 23.59
N ALA B 120 3.37 -22.47 24.55
CA ALA B 120 2.27 -23.38 24.84
C ALA B 120 1.35 -23.60 23.64
N ALA B 121 0.80 -22.52 23.09
CA ALA B 121 -0.17 -22.64 22.02
C ALA B 121 0.44 -23.04 20.67
N ASP B 125 6.17 -26.98 17.32
CA ASP B 125 7.03 -25.95 16.70
C ASP B 125 8.05 -25.40 17.68
N ASN B 126 9.23 -25.04 17.15
CA ASN B 126 10.23 -24.36 17.94
C ASN B 126 10.27 -22.89 17.55
N LEU B 127 9.50 -22.08 18.26
CA LEU B 127 9.35 -20.66 17.98
C LEU B 127 10.64 -19.88 18.29
N ASN B 128 10.79 -18.74 17.64
CA ASN B 128 11.86 -17.80 17.95
C ASN B 128 11.31 -16.59 18.69
N ILE B 129 11.47 -16.58 20.01
CA ILE B 129 10.92 -15.53 20.85
C ILE B 129 12.03 -14.73 21.52
N LEU B 130 11.95 -13.41 21.42
CA LEU B 130 12.94 -12.52 22.03
C LEU B 130 12.31 -11.69 23.15
N PRO B 131 12.32 -12.21 24.38
CA PRO B 131 11.66 -11.56 25.52
C PRO B 131 12.33 -10.25 25.97
N MSE B 132 11.53 -9.19 26.09
CA MSE B 132 12.03 -7.91 26.57
C MSE B 132 11.55 -7.69 28.00
O MSE B 132 10.39 -7.93 28.33
CB MSE B 132 11.56 -6.76 25.68
CG MSE B 132 11.89 -6.95 24.21
SE MSE B 132 13.72 -7.53 23.87
CE MSE B 132 14.57 -5.81 23.62
N ARG B 133 12.47 -7.22 28.85
CA ARG B 133 12.21 -7.14 30.28
C ARG B 133 12.37 -5.73 30.84
N GLY B 134 12.86 -4.81 30.01
CA GLY B 134 12.95 -3.40 30.40
C GLY B 134 14.19 -2.65 29.96
N LYS B 135 15.19 -3.38 29.50
CA LYS B 135 16.48 -2.78 29.12
C LYS B 135 16.34 -1.74 28.01
N THR B 137 17.26 0.11 22.59
CA THR B 137 17.09 -1.25 23.08
C THR B 137 16.84 -2.21 21.91
N LEU B 138 16.11 -1.73 20.91
CA LEU B 138 16.00 -2.43 19.63
C LEU B 138 16.14 -1.45 18.47
N ASP B 139 17.27 -1.51 17.80
CA ASP B 139 17.55 -0.61 16.69
C ASP B 139 17.05 -1.24 15.41
N LEU B 140 16.04 -0.61 14.80
CA LEU B 140 15.48 -1.07 13.54
C LEU B 140 16.26 -0.52 12.35
N GLY B 141 17.17 0.40 12.63
CA GLY B 141 17.93 1.07 11.60
C GLY B 141 17.24 2.36 11.20
N LYS B 142 17.96 3.19 10.44
CA LYS B 142 17.42 4.44 9.93
C LYS B 142 16.92 5.38 11.03
N GLY B 143 17.44 5.19 12.24
CA GLY B 143 17.08 6.05 13.36
C GLY B 143 15.97 5.52 14.24
N HIS B 144 15.36 4.41 13.83
CA HIS B 144 14.24 3.84 14.58
C HIS B 144 14.73 2.88 15.69
N VAL B 145 15.15 3.45 16.81
CA VAL B 145 15.47 2.63 17.96
C VAL B 145 14.23 2.48 18.83
N LEU B 146 13.85 1.24 19.10
CA LEU B 146 12.63 0.94 19.85
C LEU B 146 12.96 0.70 21.32
N LYS B 147 12.47 1.56 22.20
CA LYS B 147 12.64 1.41 23.65
C LYS B 147 11.41 0.74 24.23
N PHE B 148 11.63 -0.31 25.01
CA PHE B 148 10.51 -1.02 25.62
C PHE B 148 10.29 -0.66 27.09
N LEU B 149 9.03 -0.42 27.43
CA LEU B 149 8.63 -0.10 28.79
C LEU B 149 7.58 -1.11 29.20
N PRO B 150 8.00 -2.24 29.77
CA PRO B 150 7.02 -3.20 30.28
C PRO B 150 6.08 -2.49 31.25
N ILE B 151 4.81 -2.84 31.23
CA ILE B 151 3.84 -2.27 32.16
C ILE B 151 2.96 -3.38 32.71
N PRO B 152 3.58 -4.32 33.44
CA PRO B 152 2.85 -5.52 33.88
C PRO B 152 1.67 -5.15 34.78
N SER B 153 0.56 -5.84 34.61
CA SER B 153 -0.64 -5.61 35.41
C SER B 153 -1.35 -6.95 35.58
N PRO B 154 -2.26 -7.04 36.57
CA PRO B 154 -2.96 -8.33 36.77
C PRO B 154 -3.76 -8.78 35.54
N ARG B 155 -4.38 -7.83 34.84
CA ARG B 155 -5.16 -8.16 33.63
C ARG B 155 -4.27 -8.45 32.43
N TRP B 156 -3.14 -7.75 32.34
CA TRP B 156 -2.16 -8.00 31.28
C TRP B 156 -0.76 -8.12 31.87
N PRO B 157 -0.40 -9.31 32.34
CA PRO B 157 0.93 -9.51 32.95
C PRO B 157 2.04 -9.19 31.95
N ALA B 158 1.76 -9.40 30.67
CA ALA B 158 2.74 -9.14 29.63
C ALA B 158 2.55 -7.79 28.94
N GLY B 159 1.87 -6.87 29.62
CA GLY B 159 1.65 -5.53 29.10
C GLY B 159 2.97 -4.83 28.72
N LEU B 160 2.97 -4.17 27.56
CA LEU B 160 4.20 -3.61 27.04
C LEU B 160 3.95 -2.40 26.15
N CYS B 161 4.64 -1.29 26.44
CA CYS B 161 4.64 -0.11 25.58
C CYS B 161 5.94 -0.05 24.81
N THR B 162 5.85 0.43 23.58
CA THR B 162 7.02 0.64 22.73
C THR B 162 7.09 2.08 22.24
N TYR B 163 8.29 2.67 22.32
CA TYR B 163 8.50 4.06 21.95
C TYR B 163 9.53 4.12 20.83
N ASP B 164 9.14 4.69 19.69
CA ASP B 164 10.08 4.91 18.58
C ASP B 164 10.72 6.28 18.75
N VAL B 165 12.03 6.29 19.01
CA VAL B 165 12.74 7.54 19.25
C VAL B 165 12.66 8.51 18.07
N GLN B 166 12.73 7.97 16.86
CA GLN B 166 12.74 8.76 15.62
C GLN B 166 11.44 9.52 15.38
N THR B 167 10.31 8.84 15.56
CA THR B 167 9.00 9.43 15.30
C THR B 167 8.32 9.97 16.55
N GLN B 168 8.88 9.64 17.70
CA GLN B 168 8.31 10.00 19.00
C GLN B 168 6.91 9.42 19.17
N ILE B 169 6.67 8.26 18.54
CA ILE B 169 5.40 7.55 18.71
C ILE B 169 5.51 6.53 19.84
N LEU B 170 4.51 6.52 20.71
CA LEU B 170 4.45 5.53 21.78
C LEU B 170 3.30 4.57 21.47
N TYR B 171 3.65 3.29 21.28
CA TYR B 171 2.67 2.25 20.99
C TYR B 171 2.18 1.68 22.31
N THR B 172 0.92 1.93 22.61
CA THR B 172 0.35 1.75 23.94
C THR B 172 -0.64 0.59 24.02
N ASP B 173 -0.98 0.01 22.87
CA ASP B 173 -1.92 -1.13 22.79
C ASP B 173 -3.25 -0.86 23.51
N LYS B 174 -3.49 -1.61 24.60
CA LYS B 174 -4.73 -1.49 25.36
C LYS B 174 -4.92 -0.13 26.02
N ILE B 175 -3.83 0.56 26.35
CA ILE B 175 -3.97 1.84 27.07
C ILE B 175 -4.36 2.99 26.13
N PHE B 176 -5.25 3.86 26.61
CA PHE B 176 -5.63 5.12 25.94
C PHE B 176 -6.59 4.97 24.76
N GLY B 177 -7.14 3.77 24.57
CA GLY B 177 -7.95 3.50 23.40
C GLY B 177 -9.40 3.90 23.54
N ALA B 178 -10.18 3.59 22.50
CA ALA B 178 -11.61 3.82 22.49
C ALA B 178 -12.24 2.87 21.49
N HIS B 179 -13.36 2.24 21.85
CA HIS B 179 -14.05 1.37 20.91
C HIS B 179 -15.01 2.20 20.07
N ILE B 180 -14.54 2.66 18.91
CA ILE B 180 -15.39 3.39 18.00
C ILE B 180 -14.83 3.29 16.59
N CYS B 181 -15.66 2.84 15.67
CA CYS B 181 -15.30 2.79 14.27
C CYS B 181 -15.61 4.12 13.62
N GLY B 182 -14.80 4.48 12.63
CA GLY B 182 -14.93 5.76 11.96
C GLY B 182 -14.05 5.78 10.72
N ASP B 183 -14.10 6.89 9.98
CA ASP B 183 -13.29 7.03 8.77
C ASP B 183 -12.01 7.78 9.10
N ASP B 184 -12.05 8.56 10.18
CA ASP B 184 -10.88 9.29 10.64
C ASP B 184 -9.87 8.37 11.32
N VAL B 185 -8.69 8.24 10.73
CA VAL B 185 -7.60 7.49 11.34
C VAL B 185 -7.15 8.14 12.66
N PHE B 186 -7.20 9.47 12.70
CA PHE B 186 -6.75 10.22 13.86
C PHE B 186 -7.95 10.83 14.61
N ASP B 187 -7.69 11.28 15.83
CA ASP B 187 -8.74 11.80 16.71
C ASP B 187 -9.03 13.30 16.49
N ASP B 188 -9.08 13.72 15.23
CA ASP B 188 -9.41 15.11 14.92
C ASP B 188 -10.80 15.51 15.45
N ASN B 189 -11.80 14.67 15.21
CA ASN B 189 -13.15 14.92 15.72
C ASN B 189 -13.35 14.34 17.13
N TRP B 190 -12.62 14.90 18.09
CA TRP B 190 -12.56 14.38 19.47
C TRP B 190 -13.91 14.30 20.18
N GLU B 191 -14.75 15.31 19.95
CA GLU B 191 -16.09 15.30 20.49
C GLU B 191 -16.95 14.50 19.52
N SER B 192 -16.93 13.19 19.71
CA SER B 192 -17.74 12.24 18.97
C SER B 192 -17.30 10.90 19.48
N PHE B 193 -16.26 10.92 20.32
CA PHE B 193 -15.76 9.70 20.90
C PHE B 193 -15.14 9.85 22.31
N LYS B 194 -15.20 11.05 22.89
CA LYS B 194 -14.83 11.17 24.30
C LYS B 194 -15.84 10.40 25.18
N GLU B 195 -17.08 10.29 24.70
CA GLU B 195 -18.07 9.39 25.29
C GLU B 195 -17.49 7.99 25.33
N ASP B 196 -16.82 7.64 24.24
CA ASP B 196 -16.27 6.31 24.05
C ASP B 196 -14.92 6.12 24.73
N GLN B 197 -14.22 7.24 24.95
CA GLN B 197 -12.93 7.24 25.61
C GLN B 197 -13.06 7.01 27.11
N ARG B 198 -13.87 7.85 27.76
CA ARG B 198 -14.09 7.76 29.21
C ARG B 198 -14.67 6.39 29.56
N TYR B 199 -15.64 5.98 28.76
CA TYR B 199 -16.28 4.68 28.90
C TYR B 199 -15.32 3.52 28.73
N TYR B 200 -14.31 3.71 27.88
CA TYR B 200 -13.31 2.67 27.65
C TYR B 200 -12.48 2.49 28.91
N PHE B 201 -12.10 3.60 29.54
CA PHE B 201 -11.39 3.58 30.82
C PHE B 201 -12.21 2.80 31.85
N ASN B 202 -13.50 3.09 31.90
CA ASN B 202 -14.37 2.50 32.91
C ASN B 202 -14.53 1.00 32.76
N CYS B 203 -14.65 0.53 31.51
CA CYS B 203 -14.74 -0.89 31.24
C CYS B 203 -13.41 -1.57 31.51
N LEU B 204 -12.33 -1.04 30.92
CA LEU B 204 -11.09 -1.79 30.81
C LEU B 204 -9.96 -1.35 31.75
N MSE B 205 -9.94 -0.07 32.12
CA MSE B 205 -8.85 0.47 32.93
C MSE B 205 -9.20 0.61 34.42
O MSE B 205 -8.40 0.25 35.30
CB MSE B 205 -8.41 1.84 32.38
CG MSE B 205 -8.04 1.81 30.90
SE MSE B 205 -6.31 0.93 30.59
CE MSE B 205 -5.14 2.10 31.61
N ALA B 206 -10.39 1.14 34.68
CA ALA B 206 -10.85 1.44 36.05
C ALA B 206 -10.52 0.39 37.14
N PRO B 207 -10.75 -0.91 36.87
CA PRO B 207 -10.52 -1.87 37.97
C PRO B 207 -9.07 -1.97 38.41
N HIS B 208 -8.14 -1.49 37.59
CA HIS B 208 -6.73 -1.60 37.91
C HIS B 208 -6.08 -0.22 38.03
N ALA B 209 -6.77 0.69 38.70
CA ALA B 209 -6.38 2.09 38.80
C ALA B 209 -4.94 2.29 39.29
N ILE B 210 -4.50 1.46 40.22
CA ILE B 210 -3.16 1.57 40.77
C ILE B 210 -2.09 1.34 39.70
N HIS B 211 -2.31 0.33 38.86
CA HIS B 211 -1.37 0.04 37.78
C HIS B 211 -1.38 1.08 36.65
N VAL B 212 -2.51 1.76 36.50
CA VAL B 212 -2.62 2.82 35.48
C VAL B 212 -1.70 3.98 35.87
N GLU B 213 -1.79 4.40 37.13
CA GLU B 213 -0.92 5.43 37.67
C GLU B 213 0.53 5.02 37.51
N ALA B 214 0.80 3.73 37.71
CA ALA B 214 2.15 3.18 37.59
C ALA B 214 2.64 3.17 36.14
N ALA B 215 1.70 3.04 35.20
CA ALA B 215 2.08 3.05 33.80
C ALA B 215 2.38 4.49 33.40
N LEU B 216 1.57 5.42 33.91
CA LEU B 216 1.70 6.82 33.57
C LEU B 216 3.00 7.39 34.09
N GLU B 217 3.37 6.98 35.30
CA GLU B 217 4.66 7.36 35.85
C GLU B 217 5.77 6.81 34.94
N LYS B 218 5.58 5.57 34.50
CA LYS B 218 6.58 4.89 33.69
C LYS B 218 6.85 5.53 32.31
N ILE B 219 5.88 6.27 31.77
CA ILE B 219 6.05 6.89 30.46
C ILE B 219 6.21 8.40 30.56
N SER B 220 6.32 8.89 31.78
CA SER B 220 6.34 10.34 32.01
C SER B 220 7.61 11.02 31.50
N ASP B 221 8.68 10.25 31.32
CA ASP B 221 9.95 10.80 30.82
C ASP B 221 10.05 10.90 29.29
N LEU B 222 8.96 10.64 28.58
CA LEU B 222 9.00 10.57 27.12
C LEU B 222 8.40 11.78 26.44
N GLN B 223 9.08 12.27 25.40
CA GLN B 223 8.51 13.26 24.52
C GLN B 223 7.69 12.56 23.42
N VAL B 224 6.38 12.58 23.56
CA VAL B 224 5.48 11.79 22.71
C VAL B 224 4.59 12.65 21.80
N ARG B 225 4.61 12.35 20.50
CA ARG B 225 3.80 13.09 19.52
C ARG B 225 2.45 12.42 19.24
N LEU B 226 2.37 11.11 19.50
CA LEU B 226 1.19 10.33 19.16
C LEU B 226 1.14 9.08 20.05
N TYR B 227 -0.06 8.78 20.55
CA TYR B 227 -0.30 7.51 21.21
C TYR B 227 -0.87 6.63 20.10
N ALA B 228 -0.06 5.70 19.63
CA ALA B 228 -0.52 4.74 18.64
C ALA B 228 -1.26 3.61 19.35
N VAL B 229 -2.56 3.84 19.58
CA VAL B 229 -3.37 2.97 20.46
C VAL B 229 -3.82 1.72 19.72
N GLY B 230 -4.28 0.72 20.47
CA GLY B 230 -4.77 -0.52 19.91
C GLY B 230 -6.19 -0.44 19.36
N HIS B 231 -7.02 0.42 19.94
CA HIS B 231 -8.42 0.51 19.54
C HIS B 231 -8.86 1.94 19.26
N GLY B 232 -9.50 2.15 18.12
CA GLY B 232 -10.10 3.44 17.82
C GLY B 232 -9.13 4.37 17.11
N PRO B 233 -9.49 5.66 17.00
CA PRO B 233 -8.62 6.64 16.37
C PRO B 233 -7.31 6.82 17.13
N LEU B 234 -6.26 7.10 16.36
CA LEU B 234 -4.95 7.37 16.91
C LEU B 234 -4.98 8.67 17.69
N VAL B 235 -4.25 8.70 18.81
CA VAL B 235 -4.43 9.76 19.80
C VAL B 235 -3.38 10.85 19.66
N ARG B 236 -3.84 11.96 19.12
CA ARG B 236 -3.02 13.08 18.76
C ARG B 236 -3.63 14.31 19.39
N THR B 237 -4.86 14.63 18.99
CA THR B 237 -5.53 15.82 19.47
C THR B 237 -5.81 15.75 20.98
N SER B 238 -6.33 14.61 21.43
CA SER B 238 -6.73 14.44 22.84
C SER B 238 -5.62 13.93 23.76
N LEU B 239 -4.39 13.83 23.24
CA LEU B 239 -3.27 13.22 23.96
C LEU B 239 -3.04 13.72 25.40
N ILE B 240 -2.55 14.94 25.56
CA ILE B 240 -2.25 15.50 26.89
C ILE B 240 -3.47 15.49 27.84
N ALA B 241 -4.65 15.77 27.27
CA ALA B 241 -5.90 15.77 28.04
C ALA B 241 -6.26 14.38 28.53
N LEU B 242 -6.19 13.42 27.62
CA LEU B 242 -6.50 12.03 27.93
C LEU B 242 -5.54 11.51 29.00
N THR B 243 -4.28 11.93 28.92
CA THR B 243 -3.27 11.48 29.87
C THR B 243 -3.51 12.05 31.27
N GLN B 244 -3.78 13.35 31.36
CA GLN B 244 -4.07 13.96 32.66
C GLN B 244 -5.37 13.37 33.21
N ALA B 245 -6.32 13.09 32.32
CA ALA B 245 -7.58 12.46 32.71
C ALA B 245 -7.42 11.01 33.21
N TYR B 246 -6.56 10.22 32.57
CA TYR B 246 -6.26 8.88 33.07
C TYR B 246 -5.73 8.96 34.51
N ALA B 247 -4.84 9.92 34.76
CA ALA B 247 -4.33 10.16 36.10
C ALA B 247 -5.44 10.59 37.05
N ASP B 248 -6.35 11.43 36.57
CA ASP B 248 -7.44 11.93 37.43
C ASP B 248 -8.44 10.83 37.73
N TRP B 249 -8.79 10.05 36.73
CA TRP B 249 -9.76 8.98 36.90
C TRP B 249 -9.22 7.85 37.78
N SER B 250 -7.91 7.58 37.68
CA SER B 250 -7.26 6.57 38.51
C SER B 250 -7.17 6.95 39.98
N LYS B 251 -6.68 8.15 40.27
CA LYS B 251 -6.61 8.59 41.68
C LYS B 251 -8.01 8.64 42.30
N ALA B 252 -9.00 9.02 41.50
CA ALA B 252 -10.40 9.03 41.91
C ALA B 252 -10.87 7.63 42.29
N GLN B 253 -10.38 6.64 41.56
CA GLN B 253 -10.79 5.26 41.77
C GLN B 253 -10.13 4.67 43.02
N LYS B 254 -8.93 5.15 43.35
CA LYS B 254 -8.20 4.68 44.53
C LYS B 254 -8.97 5.02 45.79
N LEU B 255 -9.70 6.13 45.75
CA LEU B 255 -10.57 6.50 46.85
C LEU B 255 -11.87 5.71 46.79
N GLU B 256 -12.07 5.00 45.68
CA GLU B 256 -13.23 4.14 45.47
C GLU B 256 -14.53 4.93 45.52
C1 PEG C . 4.42 -3.87 -30.52
O1 PEG C . 3.74 -2.76 -31.09
C2 PEG C . 5.92 -3.67 -30.70
O2 PEG C . 6.78 -4.73 -30.22
C3 PEG C . 8.11 -4.35 -30.62
C4 PEG C . 9.24 -5.34 -30.32
O4 PEG C . 10.47 -4.75 -30.78
CL CL D . 7.15 6.01 -28.78
P PO4 E . -1.48 8.43 -26.48
O1 PO4 E . -0.93 9.46 -25.49
O2 PO4 E . -2.33 9.17 -27.45
O3 PO4 E . -0.30 7.82 -27.17
O4 PO4 E . -2.31 7.44 -25.69
C1 PEG F . -0.58 -37.01 -2.18
O1 PEG F . -1.68 -37.91 -2.30
C2 PEG F . 0.57 -37.72 -1.46
O2 PEG F . 1.72 -36.90 -1.27
C3 PEG F . 2.70 -37.67 -0.54
C4 PEG F . 3.98 -36.87 -0.23
O4 PEG F . 4.90 -37.69 0.49
P PO4 G . -7.95 -9.32 22.93
O1 PO4 G . -8.05 -7.92 22.36
O2 PO4 G . -7.10 -10.17 22.01
O3 PO4 G . -7.31 -9.25 24.29
O4 PO4 G . -9.34 -9.92 23.05
#